data_6INB
#
_entry.id   6INB
#
_cell.length_a   55.279
_cell.length_b   55.279
_cell.length_c   119.532
_cell.angle_alpha   90.00
_cell.angle_beta   90.00
_cell.angle_gamma   120.00
#
_symmetry.space_group_name_H-M   'P 31 2 1'
#
loop_
_entity.id
_entity.type
_entity.pdbx_description
1 polymer 'Alpha-acetolactate decarboxylase'
2 non-polymer 'ZINC ION'
3 non-polymer 'CHLORIDE ION'
4 water water
#
_entity_poly.entity_id   1
_entity_poly.type   'polypeptide(L)'
_entity_poly.pdbx_seq_one_letter_code
;MNHSAECTCEESLCETLRAFSAQHPESVLYQTSLMSALLSGVYEGSTTIADLLKHGDFGLGTFNELDGELIAFSSQVYQL
RADGSARNAQPEQKTPFAVMTWFQPQYRKTFDHPVSRQQLHEVIDQQIPSDNLFCALRIDGHFRHAHTRTVPRQTPPYRA
MTDVLDDQPVFRFNQREGVLVGFRTPQHMQGINVAGYHEHFITDDRKGGGHLLDYQLDHGVLTFGEIHKLMIDLPADSAF
LQANLHPDNLDAAIRSVES
;
_entity_poly.pdbx_strand_id   A
#
loop_
_chem_comp.id
_chem_comp.type
_chem_comp.name
_chem_comp.formula
CL non-polymer 'CHLORIDE ION' 'Cl -1'
ZN non-polymer 'ZINC ION' 'Zn 2'
#
# COMPACT_ATOMS: atom_id res chain seq x y z
N SER A 27 3.27 16.59 -7.90
CA SER A 27 2.97 15.43 -7.04
C SER A 27 4.21 15.06 -6.20
N VAL A 28 4.03 14.80 -4.91
CA VAL A 28 5.13 14.45 -3.97
C VAL A 28 4.75 13.13 -3.29
N LEU A 29 5.63 12.15 -3.27
CA LEU A 29 5.38 10.95 -2.46
C LEU A 29 5.81 11.32 -1.03
N TYR A 30 4.88 11.34 -0.11
CA TYR A 30 5.13 11.77 1.28
C TYR A 30 5.22 10.51 2.15
N GLN A 31 6.40 10.20 2.62
CA GLN A 31 6.68 8.96 3.37
C GLN A 31 6.84 9.31 4.84
N THR A 32 6.09 8.64 5.70
CA THR A 32 6.20 8.73 7.18
C THR A 32 7.12 7.59 7.65
N SER A 33 8.24 7.95 8.25
CA SER A 33 9.29 7.05 8.77
C SER A 33 9.90 6.21 7.66
N LEU A 34 10.55 5.10 8.04
CA LEU A 34 11.41 4.27 7.16
C LEU A 34 10.99 2.80 7.31
N MET A 35 11.03 2.04 6.23
CA MET A 35 10.73 0.59 6.26
C MET A 35 11.78 -0.11 7.14
N SER A 36 13.04 0.31 7.10
CA SER A 36 14.12 -0.26 7.95
C SER A 36 13.76 -0.10 9.43
N ALA A 37 13.14 1.03 9.83
CA ALA A 37 12.77 1.27 11.23
C ALA A 37 11.62 0.32 11.59
N LEU A 38 10.64 0.19 10.71
CA LEU A 38 9.50 -0.75 10.91
C LEU A 38 10.09 -2.15 11.10
N LEU A 39 10.97 -2.58 10.20
CA LEU A 39 11.46 -3.97 10.20
C LEU A 39 12.35 -4.23 11.42
N SER A 40 12.94 -3.19 12.04
CA SER A 40 13.79 -3.29 13.25
C SER A 40 12.93 -3.49 14.51
N GLY A 41 11.62 -3.31 14.41
CA GLY A 41 10.68 -3.53 15.53
C GLY A 41 10.06 -2.24 16.01
N VAL A 42 10.12 -1.15 15.24
CA VAL A 42 9.40 0.11 15.60
C VAL A 42 7.99 0.02 15.01
N TYR A 43 7.07 -0.56 15.77
CA TYR A 43 5.70 -0.88 15.27
C TYR A 43 4.71 0.20 15.71
N GLU A 44 5.14 1.23 16.41
CA GLU A 44 4.22 2.34 16.79
C GLU A 44 4.77 3.69 16.34
N GLY A 45 3.89 4.58 15.86
CA GLY A 45 4.18 6.00 15.61
C GLY A 45 3.11 6.88 16.22
N SER A 46 3.29 8.20 16.20
CA SER A 46 2.28 9.17 16.71
C SER A 46 1.52 9.79 15.52
N THR A 47 1.86 9.43 14.29
CA THR A 47 1.20 9.99 13.10
C THR A 47 -0.22 9.43 13.00
N THR A 48 -1.24 10.29 12.94
CA THR A 48 -2.64 9.84 12.73
C THR A 48 -3.04 9.73 11.26
N ILE A 49 -4.16 9.04 10.98
CA ILE A 49 -4.74 9.00 9.62
C ILE A 49 -5.05 10.44 9.20
N ALA A 50 -5.60 11.26 10.09
CA ALA A 50 -5.85 12.69 9.77
C ALA A 50 -4.55 13.39 9.30
N ASP A 51 -3.45 13.15 10.00
CA ASP A 51 -2.11 13.69 9.64
C ASP A 51 -1.74 13.21 8.23
N LEU A 52 -1.97 11.93 7.91
CA LEU A 52 -1.62 11.40 6.57
C LEU A 52 -2.37 12.20 5.50
N LEU A 53 -3.66 12.47 5.70
CA LEU A 53 -4.53 13.11 4.70
C LEU A 53 -4.18 14.60 4.54
N LYS A 54 -3.26 15.13 5.35
CA LYS A 54 -2.72 16.51 5.15
C LYS A 54 -1.76 16.51 3.96
N HIS A 55 -1.16 15.38 3.61
CA HIS A 55 -0.16 15.33 2.51
C HIS A 55 -0.60 14.38 1.40
N GLY A 56 -1.90 14.06 1.31
CA GLY A 56 -2.36 13.28 0.16
C GLY A 56 -3.79 12.81 0.26
N ASP A 57 -4.27 12.22 -0.83
CA ASP A 57 -5.65 11.65 -0.88
C ASP A 57 -5.55 10.18 -1.25
N PHE A 58 -4.34 9.63 -1.28
CA PHE A 58 -4.07 8.34 -1.95
C PHE A 58 -2.85 7.73 -1.30
N GLY A 59 -2.92 6.45 -0.97
CA GLY A 59 -1.72 5.74 -0.53
C GLY A 59 -1.97 4.49 0.29
N LEU A 60 -0.93 4.10 0.99
CA LEU A 60 -0.74 2.76 1.62
C LEU A 60 0.01 2.98 2.91
N GLY A 61 -0.10 2.04 3.85
CA GLY A 61 0.73 2.10 5.05
C GLY A 61 0.30 1.03 6.03
N THR A 62 0.82 1.11 7.23
CA THR A 62 0.65 0.08 8.25
C THR A 62 0.07 0.76 9.47
N PHE A 63 -0.71 0.03 10.25
CA PHE A 63 -1.28 0.56 11.52
C PHE A 63 -0.35 0.24 12.69
N ASN A 64 -0.48 1.03 13.74
CA ASN A 64 0.21 0.81 15.04
C ASN A 64 0.02 -0.65 15.47
N GLU A 65 1.07 -1.23 16.05
CA GLU A 65 1.14 -2.65 16.48
C GLU A 65 0.99 -3.57 15.26
N LEU A 66 1.23 -3.07 14.04
CA LEU A 66 1.11 -3.86 12.80
C LEU A 66 -0.29 -4.48 12.73
N ASP A 67 -1.32 -3.77 13.19
CA ASP A 67 -2.71 -4.27 13.06
C ASP A 67 -3.20 -3.98 11.64
N GLY A 68 -2.72 -4.78 10.70
CA GLY A 68 -3.08 -4.64 9.29
C GLY A 68 -2.50 -3.40 8.65
N GLU A 69 -3.10 -3.01 7.54
CA GLU A 69 -2.56 -2.01 6.62
C GLU A 69 -3.71 -1.14 6.16
N LEU A 70 -3.34 0.05 5.70
CA LEU A 70 -4.33 0.99 5.19
C LEU A 70 -4.28 1.01 3.68
N ILE A 71 -5.43 1.38 3.13
CA ILE A 71 -5.59 1.72 1.71
C ILE A 71 -6.36 3.04 1.67
N ALA A 72 -5.87 3.98 0.88
CA ALA A 72 -6.51 5.31 0.79
C ALA A 72 -6.62 5.71 -0.67
N PHE A 73 -7.79 6.24 -1.06
CA PHE A 73 -8.00 6.72 -2.45
C PHE A 73 -9.14 7.71 -2.41
N SER A 74 -8.97 8.84 -3.08
CA SER A 74 -9.94 9.97 -3.05
C SER A 74 -10.25 10.35 -1.60
N SER A 75 -9.24 10.31 -0.74
CA SER A 75 -9.29 10.72 0.69
C SER A 75 -10.12 9.75 1.54
N GLN A 76 -10.65 8.67 0.96
CA GLN A 76 -11.33 7.61 1.74
C GLN A 76 -10.24 6.67 2.28
N VAL A 77 -10.24 6.33 3.57
CA VAL A 77 -9.17 5.48 4.17
C VAL A 77 -9.83 4.27 4.81
N TYR A 78 -9.30 3.09 4.52
CA TYR A 78 -9.82 1.82 5.07
C TYR A 78 -8.67 1.05 5.71
N GLN A 79 -8.99 0.38 6.80
CA GLN A 79 -8.11 -0.57 7.50
C GLN A 79 -8.41 -1.98 7.02
N LEU A 80 -7.39 -2.67 6.54
CA LEU A 80 -7.44 -4.06 6.03
C LEU A 80 -6.76 -4.92 7.07
N ARG A 81 -7.43 -5.96 7.56
CA ARG A 81 -6.88 -6.76 8.68
C ARG A 81 -6.64 -8.20 8.22
N ALA A 82 -5.98 -8.96 9.08
CA ALA A 82 -5.44 -10.29 8.76
C ALA A 82 -6.56 -11.30 8.47
N ASP A 83 -7.80 -11.06 8.93
CA ASP A 83 -8.99 -11.93 8.69
C ASP A 83 -9.66 -11.64 7.33
N GLY A 84 -9.06 -10.80 6.51
CA GLY A 84 -9.51 -10.47 5.14
C GLY A 84 -10.56 -9.37 5.16
N SER A 85 -10.84 -8.81 6.33
CA SER A 85 -11.89 -7.76 6.46
C SER A 85 -11.30 -6.39 6.12
N ALA A 86 -12.16 -5.51 5.64
CA ALA A 86 -11.91 -4.06 5.52
C ALA A 86 -12.94 -3.34 6.38
N ARG A 87 -12.52 -2.23 6.97
CA ARG A 87 -13.47 -1.30 7.66
C ARG A 87 -12.98 0.12 7.47
N ASN A 88 -13.87 1.08 7.66
CA ASN A 88 -13.45 2.49 7.53
C ASN A 88 -12.37 2.76 8.59
N ALA A 89 -11.27 3.40 8.21
CA ALA A 89 -10.25 3.85 9.18
C ALA A 89 -10.78 5.10 9.86
N GLN A 90 -10.51 5.22 11.16
CA GLN A 90 -10.87 6.42 11.95
C GLN A 90 -9.73 7.40 11.87
N PRO A 91 -10.04 8.70 11.79
CA PRO A 91 -9.02 9.73 11.62
C PRO A 91 -7.99 9.72 12.76
N GLU A 92 -8.38 9.28 13.97
CA GLU A 92 -7.47 9.29 15.15
C GLU A 92 -6.52 8.07 15.15
N GLN A 93 -6.73 7.08 14.27
CA GLN A 93 -5.85 5.86 14.31
C GLN A 93 -4.41 6.26 13.95
N LYS A 94 -3.40 5.60 14.52
CA LYS A 94 -1.98 5.95 14.33
C LYS A 94 -1.28 4.89 13.46
N THR A 95 -0.23 5.32 12.76
CA THR A 95 0.57 4.53 11.80
C THR A 95 2.05 4.72 12.13
N PRO A 96 2.84 3.63 12.12
CA PRO A 96 4.30 3.76 12.16
C PRO A 96 5.00 3.95 10.81
N PHE A 97 4.27 3.76 9.73
CA PHE A 97 4.80 3.83 8.36
C PHE A 97 3.67 4.01 7.35
N ALA A 98 3.85 4.95 6.44
CA ALA A 98 2.86 5.20 5.37
C ALA A 98 3.53 5.92 4.22
N VAL A 99 2.89 5.83 3.07
CA VAL A 99 3.28 6.55 1.85
C VAL A 99 2.00 7.12 1.22
N MET A 100 1.94 8.44 1.07
CA MET A 100 0.74 9.17 0.60
C MET A 100 1.12 10.12 -0.53
N THR A 101 0.16 10.45 -1.39
CA THR A 101 0.40 11.50 -2.41
C THR A 101 -0.94 12.15 -2.73
N TRP A 102 -0.89 13.33 -3.33
CA TRP A 102 -2.05 13.91 -4.04
C TRP A 102 -2.05 13.32 -5.44
N PHE A 103 -2.90 12.33 -5.65
CA PHE A 103 -2.90 11.48 -6.87
C PHE A 103 -3.29 12.36 -8.06
N GLN A 104 -2.41 12.40 -9.06
CA GLN A 104 -2.58 13.26 -10.25
C GLN A 104 -2.14 12.43 -11.46
N PRO A 105 -2.92 11.42 -11.85
CA PRO A 105 -2.50 10.49 -12.90
C PRO A 105 -2.51 11.19 -14.26
N GLN A 106 -1.50 10.87 -15.08
CA GLN A 106 -1.29 11.43 -16.43
C GLN A 106 -1.83 10.45 -17.48
N TYR A 107 -2.15 9.20 -17.10
CA TYR A 107 -2.47 8.10 -18.04
C TYR A 107 -3.73 7.36 -17.61
N ARG A 108 -4.53 6.97 -18.59
CA ARG A 108 -5.75 6.16 -18.38
C ARG A 108 -5.76 5.08 -19.47
N LYS A 109 -5.98 3.84 -19.08
CA LYS A 109 -6.16 2.74 -20.05
C LYS A 109 -7.32 1.88 -19.59
N THR A 110 -8.26 1.62 -20.49
CA THR A 110 -9.44 0.77 -20.22
C THR A 110 -9.14 -0.62 -20.78
N PHE A 111 -9.36 -1.66 -19.99
CA PHE A 111 -9.22 -3.09 -20.40
C PHE A 111 -10.63 -3.68 -20.49
N ASP A 112 -11.01 -4.17 -21.67
CA ASP A 112 -12.30 -4.88 -21.88
C ASP A 112 -12.06 -6.39 -21.85
N HIS A 113 -10.81 -6.83 -21.72
CA HIS A 113 -10.40 -8.26 -21.79
C HIS A 113 -9.43 -8.54 -20.65
N PRO A 114 -9.37 -9.79 -20.16
CA PRO A 114 -8.65 -10.07 -18.92
C PRO A 114 -7.17 -9.72 -19.09
N VAL A 115 -6.60 -9.21 -18.02
CA VAL A 115 -5.16 -8.85 -17.96
C VAL A 115 -4.63 -9.19 -16.56
N SER A 116 -3.48 -9.84 -16.49
CA SER A 116 -2.82 -10.20 -15.23
C SER A 116 -2.17 -8.96 -14.60
N ARG A 117 -1.89 -9.04 -13.30
CA ARG A 117 -1.04 -8.06 -12.57
C ARG A 117 0.26 -7.82 -13.35
N GLN A 118 0.99 -8.88 -13.72
CA GLN A 118 2.31 -8.71 -14.35
C GLN A 118 2.13 -8.04 -15.73
N GLN A 119 1.06 -8.33 -16.48
CA GLN A 119 0.77 -7.65 -17.77
C GLN A 119 0.50 -6.16 -17.53
N LEU A 120 -0.26 -5.84 -16.48
CA LEU A 120 -0.61 -4.44 -16.14
C LEU A 120 0.68 -3.68 -15.81
N HIS A 121 1.59 -4.31 -15.07
CA HIS A 121 2.90 -3.71 -14.71
C HIS A 121 3.72 -3.43 -15.98
N GLU A 122 3.61 -4.31 -16.97
CA GLU A 122 4.34 -4.15 -18.26
C GLU A 122 3.79 -2.93 -18.99
N VAL A 123 2.47 -2.71 -18.96
CA VAL A 123 1.81 -1.51 -19.54
C VAL A 123 2.43 -0.27 -18.86
N ILE A 124 2.46 -0.27 -17.54
CA ILE A 124 2.99 0.89 -16.77
C ILE A 124 4.49 1.09 -17.08
N ASP A 125 5.28 0.02 -17.02
CA ASP A 125 6.75 0.11 -17.23
C ASP A 125 7.08 0.57 -18.65
N GLN A 126 6.22 0.28 -19.63
CA GLN A 126 6.44 0.70 -21.04
C GLN A 126 6.24 2.21 -21.13
N GLN A 127 5.21 2.72 -20.44
CA GLN A 127 4.84 4.16 -20.42
C GLN A 127 5.79 4.96 -19.52
N ILE A 128 6.27 4.39 -18.42
CA ILE A 128 7.26 5.01 -17.49
C ILE A 128 8.44 4.07 -17.35
N PRO A 129 9.27 3.97 -18.41
CA PRO A 129 10.34 2.97 -18.50
C PRO A 129 11.52 3.22 -17.55
N SER A 130 11.66 4.44 -17.03
CA SER A 130 12.74 4.75 -16.06
C SER A 130 12.38 4.14 -14.70
N ASP A 131 13.19 3.20 -14.24
CA ASP A 131 13.05 2.65 -12.87
C ASP A 131 13.38 3.73 -11.86
N ASN A 132 13.97 4.84 -12.28
CA ASN A 132 14.49 5.85 -11.34
C ASN A 132 13.37 6.78 -10.88
N LEU A 133 12.16 6.67 -11.45
CA LEU A 133 10.96 7.43 -11.01
C LEU A 133 10.00 6.56 -10.20
N PHE A 134 9.20 7.17 -9.34
CA PHE A 134 8.05 6.52 -8.66
C PHE A 134 6.83 6.51 -9.60
N CYS A 135 5.96 5.53 -9.45
CA CYS A 135 4.63 5.51 -10.10
CA CYS A 135 4.62 5.55 -10.10
C CYS A 135 3.55 5.39 -9.03
N ALA A 136 2.43 6.10 -9.20
CA ALA A 136 1.20 5.81 -8.46
C ALA A 136 0.16 5.23 -9.42
N LEU A 137 -0.51 4.15 -9.04
CA LEU A 137 -1.47 3.45 -9.93
C LEU A 137 -2.75 3.12 -9.16
N ARG A 138 -3.88 3.27 -9.84
CA ARG A 138 -5.21 2.90 -9.34
C ARG A 138 -5.94 2.07 -10.39
N ILE A 139 -6.68 1.07 -9.95
CA ILE A 139 -7.55 0.27 -10.85
C ILE A 139 -8.92 0.23 -10.22
N ASP A 140 -9.92 0.54 -11.03
CA ASP A 140 -11.36 0.40 -10.69
C ASP A 140 -11.93 -0.61 -11.68
N GLY A 141 -12.37 -1.75 -11.21
CA GLY A 141 -12.86 -2.77 -12.14
C GLY A 141 -13.18 -4.08 -11.47
N HIS A 142 -13.40 -5.09 -12.30
CA HIS A 142 -13.89 -6.42 -11.90
C HIS A 142 -12.70 -7.38 -11.95
N PHE A 143 -12.29 -7.90 -10.80
CA PHE A 143 -11.13 -8.82 -10.67
C PHE A 143 -11.62 -10.26 -10.78
N ARG A 144 -11.08 -11.02 -11.72
CA ARG A 144 -11.24 -12.49 -11.75
C ARG A 144 -10.83 -13.03 -10.38
N HIS A 145 -9.66 -12.61 -9.89
CA HIS A 145 -9.17 -13.01 -8.55
C HIS A 145 -8.24 -11.93 -8.03
N ALA A 146 -8.15 -11.88 -6.71
CA ALA A 146 -7.29 -10.95 -5.94
C ALA A 146 -6.89 -11.74 -4.71
N HIS A 147 -5.62 -12.13 -4.65
CA HIS A 147 -5.08 -12.93 -3.54
C HIS A 147 -4.40 -12.00 -2.55
N THR A 148 -4.78 -12.08 -1.29
CA THR A 148 -4.27 -11.13 -0.28
C THR A 148 -3.67 -11.88 0.93
N ARG A 149 -2.65 -11.28 1.53
CA ARG A 149 -2.11 -11.68 2.85
C ARG A 149 -1.74 -10.40 3.61
N THR A 150 -2.31 -10.24 4.80
CA THR A 150 -2.17 -9.01 5.61
C THR A 150 -1.68 -9.38 7.00
N VAL A 151 -0.73 -8.60 7.52
CA VAL A 151 -0.08 -8.84 8.84
C VAL A 151 -1.10 -8.68 9.95
N PRO A 152 -1.11 -9.59 10.93
CA PRO A 152 -1.95 -9.44 12.12
C PRO A 152 -1.24 -8.63 13.21
N ARG A 153 -2.04 -8.10 14.14
CA ARG A 153 -1.56 -7.31 15.29
C ARG A 153 -0.47 -8.09 16.04
N GLN A 154 0.66 -7.45 16.37
CA GLN A 154 1.83 -8.06 17.03
C GLN A 154 1.98 -7.50 18.44
N THR A 155 2.41 -8.32 19.39
CA THR A 155 2.78 -7.92 20.77
C THR A 155 4.22 -8.31 21.01
N PRO A 156 5.07 -7.44 21.60
CA PRO A 156 6.47 -7.77 21.82
C PRO A 156 6.66 -8.78 22.94
N PRO A 157 7.80 -9.49 23.02
CA PRO A 157 8.86 -9.46 22.00
C PRO A 157 8.40 -10.05 20.66
N TYR A 158 8.80 -9.40 19.55
CA TYR A 158 8.27 -9.66 18.20
C TYR A 158 8.99 -10.84 17.55
N ARG A 159 8.21 -11.73 16.92
CA ARG A 159 8.71 -12.82 16.05
C ARG A 159 9.26 -12.21 14.75
N ALA A 160 10.11 -12.96 14.06
CA ALA A 160 10.65 -12.56 12.74
C ALA A 160 9.45 -12.35 11.80
N MET A 161 9.45 -11.28 11.01
CA MET A 161 8.35 -10.97 10.05
C MET A 161 8.11 -12.18 9.12
N THR A 162 9.16 -12.86 8.69
CA THR A 162 9.00 -14.03 7.78
C THR A 162 8.22 -15.15 8.50
N ASP A 163 8.40 -15.32 9.81
CA ASP A 163 7.68 -16.40 10.54
C ASP A 163 6.21 -16.01 10.64
N VAL A 164 5.94 -14.74 10.90
CA VAL A 164 4.53 -14.23 10.97
C VAL A 164 3.84 -14.48 9.63
N LEU A 165 4.50 -14.12 8.52
CA LEU A 165 3.90 -14.29 7.17
C LEU A 165 3.67 -15.77 6.87
N ASP A 166 4.57 -16.67 7.27
CA ASP A 166 4.40 -18.13 7.01
C ASP A 166 3.08 -18.60 7.62
N ASP A 167 2.61 -18.00 8.71
CA ASP A 167 1.46 -18.53 9.48
C ASP A 167 0.16 -17.85 9.03
N GLN A 168 0.23 -16.79 8.25
CA GLN A 168 -0.96 -15.95 7.91
C GLN A 168 -1.68 -16.57 6.73
N PRO A 169 -2.99 -16.84 6.85
CA PRO A 169 -3.73 -17.43 5.74
C PRO A 169 -3.83 -16.39 4.60
N VAL A 170 -3.82 -16.88 3.36
CA VAL A 170 -4.13 -16.08 2.15
C VAL A 170 -5.64 -16.07 1.95
N PHE A 171 -6.22 -14.90 1.71
CA PHE A 171 -7.64 -14.78 1.32
C PHE A 171 -7.73 -14.59 -0.19
N ARG A 172 -8.73 -15.22 -0.82
CA ARG A 172 -8.90 -15.20 -2.28
C ARG A 172 -10.27 -14.63 -2.63
N PHE A 173 -10.27 -13.40 -3.11
CA PHE A 173 -11.46 -12.69 -3.62
C PHE A 173 -11.66 -13.16 -5.05
N ASN A 174 -12.83 -13.71 -5.34
CA ASN A 174 -13.17 -14.31 -6.65
C ASN A 174 -14.30 -13.50 -7.30
N GLN A 175 -14.08 -13.05 -8.54
CA GLN A 175 -15.08 -12.34 -9.38
C GLN A 175 -15.68 -11.19 -8.55
N ARG A 176 -14.83 -10.26 -8.11
CA ARG A 176 -15.26 -9.12 -7.27
C ARG A 176 -14.93 -7.81 -7.97
N GLU A 177 -15.89 -6.88 -7.97
CA GLU A 177 -15.66 -5.46 -8.28
C GLU A 177 -14.89 -4.87 -7.09
N GLY A 178 -13.93 -3.99 -7.35
CA GLY A 178 -13.22 -3.31 -6.28
C GLY A 178 -12.22 -2.28 -6.78
N VAL A 179 -11.38 -1.84 -5.86
CA VAL A 179 -10.36 -0.80 -6.11
C VAL A 179 -8.98 -1.32 -5.71
N LEU A 180 -8.01 -1.06 -6.56
CA LEU A 180 -6.59 -1.33 -6.24
C LEU A 180 -5.88 0.03 -6.17
N VAL A 181 -5.00 0.16 -5.19
CA VAL A 181 -4.10 1.32 -4.99
C VAL A 181 -2.71 0.77 -4.92
N GLY A 182 -1.77 1.41 -5.60
CA GLY A 182 -0.41 0.92 -5.51
C GLY A 182 0.62 1.95 -5.89
N PHE A 183 1.85 1.62 -5.56
CA PHE A 183 3.02 2.42 -5.94
C PHE A 183 4.07 1.49 -6.51
N ARG A 184 4.87 2.06 -7.42
CA ARG A 184 6.11 1.44 -7.90
C ARG A 184 7.27 2.25 -7.35
N THR A 185 8.13 1.58 -6.59
CA THR A 185 9.31 2.18 -5.92
C THR A 185 10.59 1.79 -6.64
N PRO A 186 11.46 2.76 -6.96
CA PRO A 186 12.75 2.48 -7.57
C PRO A 186 13.62 1.51 -6.76
N GLN A 187 14.41 0.71 -7.45
CA GLN A 187 15.40 -0.19 -6.79
C GLN A 187 16.41 0.69 -6.02
N HIS A 188 16.68 1.92 -6.45
CA HIS A 188 17.65 2.83 -5.77
C HIS A 188 17.14 3.28 -4.39
N MET A 189 15.93 2.87 -3.98
CA MET A 189 15.29 3.20 -2.66
C MET A 189 15.21 1.99 -1.71
N GLN A 190 15.78 0.83 -2.03
CA GLN A 190 15.53 -0.45 -1.31
C GLN A 190 15.68 -0.29 0.22
N GLY A 191 16.62 0.51 0.73
CA GLY A 191 16.80 0.74 2.19
C GLY A 191 15.54 1.27 2.85
N ILE A 192 14.91 2.24 2.19
CA ILE A 192 13.98 3.26 2.76
C ILE A 192 12.52 2.78 2.65
N ASN A 193 12.22 1.99 1.60
CA ASN A 193 10.83 1.63 1.18
C ASN A 193 10.82 0.23 0.53
N VAL A 194 9.61 -0.31 0.31
CA VAL A 194 9.30 -1.52 -0.52
C VAL A 194 9.81 -1.27 -1.96
N ALA A 195 10.92 -1.85 -2.40
CA ALA A 195 11.37 -1.77 -3.81
C ALA A 195 10.39 -2.52 -4.73
N GLY A 196 10.05 -1.96 -5.91
CA GLY A 196 9.09 -2.55 -6.84
C GLY A 196 7.65 -2.15 -6.54
N TYR A 197 6.72 -3.03 -6.89
CA TYR A 197 5.26 -2.75 -6.78
C TYR A 197 4.74 -3.16 -5.40
N HIS A 198 3.93 -2.28 -4.81
CA HIS A 198 3.23 -2.51 -3.54
C HIS A 198 1.78 -2.11 -3.80
N GLU A 199 0.86 -3.08 -3.72
CA GLU A 199 -0.54 -2.82 -4.13
C GLU A 199 -1.47 -3.42 -3.06
N HIS A 200 -2.53 -2.69 -2.77
CA HIS A 200 -3.61 -3.13 -1.86
C HIS A 200 -4.94 -3.11 -2.61
N PHE A 201 -5.88 -3.90 -2.11
CA PHE A 201 -7.18 -4.18 -2.74
C PHE A 201 -8.30 -4.01 -1.72
N ILE A 202 -9.41 -3.44 -2.15
CA ILE A 202 -10.67 -3.44 -1.36
C ILE A 202 -11.84 -3.72 -2.32
N THR A 203 -12.82 -4.45 -1.84
CA THR A 203 -14.06 -4.83 -2.56
C THR A 203 -14.96 -3.60 -2.70
N ASP A 204 -15.88 -3.67 -3.65
CA ASP A 204 -16.93 -2.64 -3.88
C ASP A 204 -17.71 -2.34 -2.58
N ASP A 205 -18.06 -3.35 -1.80
CA ASP A 205 -18.89 -3.16 -0.58
C ASP A 205 -18.04 -2.61 0.58
N ARG A 206 -16.71 -2.53 0.40
CA ARG A 206 -15.70 -1.99 1.35
C ARG A 206 -15.64 -2.83 2.63
N LYS A 207 -16.01 -4.10 2.58
CA LYS A 207 -16.03 -4.99 3.77
C LYS A 207 -14.88 -6.02 3.67
N GLY A 208 -14.21 -6.12 2.54
CA GLY A 208 -13.14 -7.11 2.32
C GLY A 208 -11.96 -6.49 1.62
N GLY A 209 -10.77 -6.98 1.91
CA GLY A 209 -9.60 -6.60 1.12
C GLY A 209 -8.30 -6.99 1.77
N GLY A 210 -7.19 -6.52 1.21
CA GLY A 210 -5.89 -6.83 1.80
C GLY A 210 -4.72 -6.39 0.96
N HIS A 211 -3.53 -6.72 1.46
CA HIS A 211 -2.23 -6.55 0.76
C HIS A 211 -2.12 -7.60 -0.35
N LEU A 212 -1.89 -7.18 -1.58
CA LEU A 212 -2.01 -8.11 -2.73
C LEU A 212 -0.73 -8.92 -2.93
N LEU A 213 -0.92 -10.21 -3.20
CA LEU A 213 0.14 -11.16 -3.65
C LEU A 213 0.07 -11.30 -5.17
N ASP A 214 -1.14 -11.34 -5.71
CA ASP A 214 -1.33 -11.53 -7.17
C ASP A 214 -2.81 -11.25 -7.47
N TYR A 215 -3.09 -10.99 -8.73
CA TYR A 215 -4.48 -10.73 -9.16
C TYR A 215 -4.56 -10.83 -10.66
N GLN A 216 -5.80 -10.96 -11.11
CA GLN A 216 -6.14 -10.82 -12.54
C GLN A 216 -7.39 -9.95 -12.65
N LEU A 217 -7.32 -8.95 -13.50
CA LEU A 217 -8.43 -8.03 -13.81
C LEU A 217 -9.19 -8.61 -14.99
N ASP A 218 -10.48 -8.85 -14.85
CA ASP A 218 -11.34 -9.31 -15.97
C ASP A 218 -11.60 -8.12 -16.90
N HIS A 219 -11.91 -6.96 -16.32
CA HIS A 219 -12.11 -5.69 -17.09
C HIS A 219 -12.11 -4.53 -16.10
N GLY A 220 -11.71 -3.35 -16.56
CA GLY A 220 -11.69 -2.16 -15.71
C GLY A 220 -10.73 -1.11 -16.21
N VAL A 221 -10.58 -0.07 -15.41
CA VAL A 221 -9.86 1.15 -15.81
C VAL A 221 -8.63 1.35 -14.92
N LEU A 222 -7.47 1.44 -15.56
CA LEU A 222 -6.17 1.77 -14.92
C LEU A 222 -5.90 3.26 -15.10
N THR A 223 -5.61 3.96 -14.02
CA THR A 223 -5.11 5.35 -14.04
C THR A 223 -3.77 5.31 -13.30
N PHE A 224 -2.78 6.02 -13.82
CA PHE A 224 -1.47 6.06 -13.16
C PHE A 224 -0.71 7.31 -13.58
N GLY A 225 0.37 7.61 -12.87
CA GLY A 225 1.24 8.76 -13.17
C GLY A 225 2.61 8.57 -12.57
N GLU A 226 3.60 9.26 -13.11
CA GLU A 226 4.98 9.28 -12.58
C GLU A 226 5.06 10.35 -11.49
N ILE A 227 5.98 10.15 -10.56
CA ILE A 227 6.23 11.06 -9.41
C ILE A 227 7.74 11.20 -9.31
N HIS A 228 8.22 12.45 -9.24
CA HIS A 228 9.64 12.85 -9.31
C HIS A 228 10.14 13.28 -7.93
N LYS A 229 9.26 13.42 -6.95
CA LYS A 229 9.60 14.05 -5.64
C LYS A 229 9.22 13.14 -4.48
N LEU A 230 10.12 12.97 -3.53
CA LEU A 230 9.89 12.13 -2.33
C LEU A 230 10.21 12.95 -1.11
N MET A 231 9.25 13.06 -0.19
CA MET A 231 9.47 13.66 1.14
C MET A 231 9.48 12.54 2.18
N ILE A 232 10.57 12.42 2.92
CA ILE A 232 10.71 11.47 4.04
C ILE A 232 10.65 12.29 5.33
N ASP A 233 9.70 11.93 6.20
CA ASP A 233 9.45 12.66 7.45
C ASP A 233 9.80 11.69 8.57
N LEU A 234 10.96 11.88 9.19
CA LEU A 234 11.48 10.97 10.25
C LEU A 234 10.85 11.40 11.57
N PRO A 235 10.27 10.44 12.33
CA PRO A 235 9.69 10.74 13.65
C PRO A 235 10.69 11.04 14.75
N ALA A 236 10.13 11.45 15.90
CA ALA A 236 10.85 11.92 17.10
C ALA A 236 10.70 10.89 18.24
N ASP A 237 9.81 9.90 18.12
CA ASP A 237 9.61 8.92 19.23
C ASP A 237 10.96 8.27 19.53
N SER A 238 11.18 7.89 20.79
CA SER A 238 12.47 7.36 21.28
C SER A 238 12.78 6.02 20.58
N ALA A 239 11.77 5.19 20.32
CA ALA A 239 11.95 3.89 19.64
C ALA A 239 12.60 4.15 18.27
N PHE A 240 12.08 5.08 17.48
CA PHE A 240 12.66 5.39 16.15
C PHE A 240 14.12 5.88 16.33
N LEU A 241 14.33 6.83 17.24
CA LEU A 241 15.64 7.51 17.46
C LEU A 241 16.69 6.48 17.91
N GLN A 242 16.30 5.47 18.67
CA GLN A 242 17.24 4.53 19.31
C GLN A 242 17.40 3.27 18.47
N ALA A 243 16.61 3.13 17.39
CA ALA A 243 16.63 1.96 16.49
C ALA A 243 17.98 1.87 15.79
N ASN A 244 18.46 0.65 15.53
CA ASN A 244 19.71 0.39 14.78
C ASN A 244 19.34 0.10 13.32
N LEU A 245 19.71 1.02 12.42
CA LEU A 245 19.45 0.94 10.95
C LEU A 245 20.80 1.01 10.22
ZN ZN B . 1.09 -3.80 2.00
CL CL C . -8.74 -17.51 -6.76
#